data_3KOU
#
_entry.id   3KOU
#
_cell.length_a   46.721
_cell.length_b   81.287
_cell.length_c   150.909
_cell.angle_alpha   90.00
_cell.angle_beta   90.00
_cell.angle_gamma   90.00
#
_symmetry.space_group_name_H-M   'P 21 21 21'
#
loop_
_entity.id
_entity.type
_entity.pdbx_description
1 polymer 'CD38 molecule'
2 branched 2-acetamido-2-deoxy-beta-D-glucopyranose-(1-4)-2-acetamido-2-deoxy-beta-D-glucopyranose
3 non-polymer 'SULFATE ION'
4 non-polymer '[[(2R,3S,4R,5R)-5-(6-aminopurin-9-yl)-3,4-dihydroxyoxolan-2-yl]methoxy-hydroxyphosphoryl] [(2R,3S,4R,5R)-5-(3-carbamoylpyridin-1-ium-1yl)- 3-fluoro-,4- hydroxyoxolan-2-yl]methyl phosphate'
5 non-polymer 2-acetamido-2-deoxy-beta-D-glucopyranose
6 water water
#
_entity_poly.entity_id   1
_entity_poly.type   'polypeptide(L)'
_entity_poly.pdbx_seq_one_letter_code
;YKWHYSGLNRWHGAGSTADFQKIIQERCDTYTQTIRPGSRSRNCQAIRQAFMSAFISKDPCKATKEDYNSLINLAPPTVP
CGQQVFWSKTKELAHEYAKRRRLMTLEDTLLGYLADGLRWCGEPGSSDLNIWSCPDWRKDCRTNYLSVFWEVLSERFAES
ACNTVRVVLNGSLENAFDSMSIFGRVEAPNLRPQVELEAWLVHDTGKPPSDSCSGSSIRKLKSILDGRNVKFRCMDNLSR
DQFLQRS
;
_entity_poly.pdbx_strand_id   A,B
#
# COMPACT_ATOMS: atom_id res chain seq x y z
N ARG A 10 33.96 -1.98 -12.57
CA ARG A 10 33.98 -2.08 -11.12
C ARG A 10 33.22 -3.25 -10.41
N TRP A 11 32.06 -3.72 -10.93
CA TRP A 11 31.31 -4.83 -10.34
C TRP A 11 31.38 -6.09 -11.19
N HIS A 12 30.73 -7.14 -10.71
CA HIS A 12 30.69 -8.42 -11.38
C HIS A 12 29.46 -8.62 -12.28
N GLY A 13 28.43 -7.80 -12.12
CA GLY A 13 27.24 -7.95 -12.93
C GLY A 13 27.25 -7.12 -14.19
N ALA A 14 26.43 -7.52 -15.15
CA ALA A 14 26.29 -6.75 -16.38
C ALA A 14 25.91 -5.32 -16.07
N GLY A 15 26.34 -4.40 -16.92
CA GLY A 15 26.04 -2.99 -16.74
C GLY A 15 24.60 -2.62 -17.09
N SER A 16 24.29 -1.36 -16.88
CA SER A 16 22.91 -0.89 -17.06
C SER A 16 22.53 -1.03 -18.52
N THR A 17 21.26 -1.26 -18.76
CA THR A 17 20.71 -1.15 -20.08
C THR A 17 21.03 0.20 -20.72
N ALA A 18 21.63 0.18 -21.90
CA ALA A 18 21.91 1.42 -22.62
C ALA A 18 20.61 2.15 -22.89
N ASP A 19 20.61 3.47 -22.66
CA ASP A 19 19.48 4.36 -22.92
C ASP A 19 18.30 4.05 -22.01
N PHE A 20 18.60 3.58 -20.80
CA PHE A 20 17.60 3.26 -19.79
C PHE A 20 16.52 4.34 -19.67
N GLN A 21 16.97 5.58 -19.55
CA GLN A 21 16.08 6.69 -19.31
C GLN A 21 15.04 6.85 -20.43
N LYS A 22 15.52 6.74 -21.66
CA LYS A 22 14.63 6.82 -22.82
C LYS A 22 13.70 5.61 -22.88
N ILE A 23 14.22 4.41 -22.62
CA ILE A 23 13.41 3.20 -22.67
C ILE A 23 12.24 3.28 -21.65
N ILE A 24 12.52 3.67 -20.42
CA ILE A 24 11.42 3.73 -19.47
C ILE A 24 10.38 4.81 -19.78
N GLN A 25 10.82 5.97 -20.26
CA GLN A 25 9.83 6.99 -20.59
C GLN A 25 8.96 6.57 -21.79
N GLU A 26 9.59 5.97 -22.78
CA GLU A 26 8.86 5.49 -23.94
C GLU A 26 7.91 4.34 -23.58
N ARG A 27 8.38 3.43 -22.73
CA ARG A 27 7.48 2.37 -22.23
C ARG A 27 6.32 2.96 -21.44
N CYS A 28 6.58 4.02 -20.70
CA CYS A 28 5.51 4.65 -19.93
C CYS A 28 4.43 5.24 -20.86
N ASP A 29 4.85 5.96 -21.89
CA ASP A 29 3.91 6.51 -22.88
C ASP A 29 3.05 5.40 -23.51
N THR A 30 3.70 4.32 -23.93
CA THR A 30 3.02 3.19 -24.54
C THR A 30 2.01 2.58 -23.56
N TYR A 31 2.44 2.36 -22.33
CA TYR A 31 1.56 1.79 -21.33
C TYR A 31 0.33 2.66 -21.04
N THR A 32 0.56 3.91 -20.68
CA THR A 32 -0.50 4.81 -20.25
C THR A 32 -1.50 5.17 -21.36
N GLN A 33 -1.05 5.16 -22.59
CA GLN A 33 -1.89 5.60 -23.71
C GLN A 33 -2.47 4.45 -24.52
N THR A 34 -1.73 3.37 -24.64
CA THR A 34 -2.16 2.29 -25.51
C THR A 34 -2.41 0.92 -24.83
N ILE A 35 -1.89 0.72 -23.62
CA ILE A 35 -2.04 -0.56 -22.95
C ILE A 35 -3.13 -0.55 -21.87
N ARG A 36 -3.07 0.42 -20.98
CA ARG A 36 -4.13 0.58 -19.99
C ARG A 36 -4.39 2.07 -19.75
N PRO A 37 -5.06 2.66 -20.72
CA PRO A 37 -5.39 4.08 -20.82
C PRO A 37 -6.15 4.66 -19.67
N GLY A 38 -7.46 4.76 -19.92
CA GLY A 38 -8.50 5.55 -19.27
C GLY A 38 -8.45 5.83 -17.79
N SER A 39 -7.71 5.00 -17.09
CA SER A 39 -7.36 5.23 -15.71
C SER A 39 -7.12 6.68 -15.72
N ARG A 40 -7.16 7.30 -14.55
CA ARG A 40 -6.74 8.66 -14.40
C ARG A 40 -5.34 8.81 -15.00
N SER A 41 -4.98 10.04 -15.26
CA SER A 41 -3.77 10.28 -16.01
C SER A 41 -2.54 10.25 -15.10
N ARG A 42 -1.39 10.01 -15.70
CA ARG A 42 -0.14 9.96 -14.97
C ARG A 42 0.96 10.55 -15.82
N ASN A 43 1.80 11.40 -15.25
CA ASN A 43 2.85 12.01 -16.05
C ASN A 43 4.07 11.12 -16.17
N CYS A 44 4.36 10.72 -17.41
CA CYS A 44 5.48 9.82 -17.67
C CYS A 44 6.85 10.46 -17.47
N GLN A 45 6.97 11.75 -17.78
CA GLN A 45 8.23 12.43 -17.50
C GLN A 45 8.51 12.43 -15.99
N ALA A 46 7.49 12.69 -15.19
CA ALA A 46 7.65 12.72 -13.74
C ALA A 46 7.99 11.32 -13.19
N ILE A 47 7.35 10.31 -13.74
CA ILE A 47 7.65 8.95 -13.36
C ILE A 47 9.11 8.58 -13.68
N ARG A 48 9.56 8.91 -14.89
CA ARG A 48 10.95 8.68 -15.26
C ARG A 48 11.89 9.41 -14.32
N GLN A 49 11.59 10.68 -14.05
CA GLN A 49 12.47 11.44 -13.17
C GLN A 49 12.54 10.80 -11.78
N ALA A 50 11.40 10.36 -11.25
CA ALA A 50 11.37 9.74 -9.92
C ALA A 50 12.18 8.44 -9.90
N PHE A 51 12.05 7.66 -10.97
CA PHE A 51 12.73 6.36 -11.09
C PHE A 51 14.25 6.60 -11.05
N MET A 52 14.73 7.54 -11.87
CA MET A 52 16.15 7.92 -11.87
C MET A 52 16.59 8.45 -10.50
N SER A 53 15.81 9.35 -9.91
CA SER A 53 16.17 9.93 -8.63
C SER A 53 16.30 8.88 -7.53
N ALA A 54 15.61 7.75 -7.67
CA ALA A 54 15.67 6.74 -6.63
C ALA A 54 17.07 6.15 -6.44
N PHE A 55 17.85 6.02 -7.51
CA PHE A 55 19.14 5.30 -7.42
C PHE A 55 20.36 6.10 -7.90
N ILE A 56 20.14 7.11 -8.72
CA ILE A 56 21.27 7.81 -9.35
C ILE A 56 22.14 8.53 -8.32
N SER A 57 23.45 8.41 -8.49
CA SER A 57 24.43 9.08 -7.65
C SER A 57 24.52 8.50 -6.23
N LYS A 58 23.88 7.36 -6.00
CA LYS A 58 23.92 6.75 -4.68
C LYS A 58 24.86 5.54 -4.64
N ASP A 59 25.21 5.13 -3.42
CA ASP A 59 25.96 3.89 -3.22
C ASP A 59 25.17 2.71 -3.75
N PRO A 60 25.66 2.05 -4.81
CA PRO A 60 24.90 0.99 -5.48
C PRO A 60 24.70 -0.26 -4.66
N CYS A 61 25.29 -0.35 -3.47
CA CYS A 61 25.08 -1.51 -2.63
C CYS A 61 24.43 -1.13 -1.30
N LYS A 62 23.79 0.03 -1.28
N LYS A 62 23.81 0.06 -1.27
CA LYS A 62 23.08 0.47 -0.08
CA LYS A 62 23.07 0.50 -0.08
C LYS A 62 21.62 0.85 -0.35
C LYS A 62 21.61 0.84 -0.35
N ALA A 63 21.04 0.25 -1.41
CA ALA A 63 19.64 0.42 -1.71
C ALA A 63 18.77 -0.04 -0.54
N THR A 64 17.74 0.74 -0.22
CA THR A 64 16.70 0.34 0.72
C THR A 64 15.32 0.47 0.08
N LYS A 65 14.35 -0.25 0.64
CA LYS A 65 12.98 -0.19 0.14
C LYS A 65 12.49 1.25 0.17
N GLU A 66 12.88 1.98 1.20
CA GLU A 66 12.46 3.38 1.35
C GLU A 66 12.88 4.28 0.18
N ASP A 67 13.96 3.93 -0.52
CA ASP A 67 14.37 4.73 -1.65
C ASP A 67 13.30 4.77 -2.76
N TYR A 68 12.42 3.78 -2.77
CA TYR A 68 11.44 3.66 -3.84
C TYR A 68 10.01 4.11 -3.46
N ASN A 69 9.81 4.53 -2.22
CA ASN A 69 8.44 4.91 -1.81
C ASN A 69 7.83 5.96 -2.74
N SER A 70 8.59 6.99 -3.08
N SER A 70 8.60 7.00 -3.04
CA SER A 70 8.06 8.09 -3.88
CA SER A 70 8.11 8.08 -3.88
C SER A 70 7.71 7.68 -5.32
C SER A 70 7.64 7.51 -5.22
N LEU A 71 8.56 6.86 -5.93
CA LEU A 71 8.26 6.32 -7.25
C LEU A 71 6.97 5.50 -7.23
N ILE A 72 6.85 4.59 -6.27
CA ILE A 72 5.72 3.68 -6.22
C ILE A 72 4.43 4.44 -5.96
N ASN A 73 4.51 5.52 -5.19
CA ASN A 73 3.33 6.33 -4.91
C ASN A 73 2.79 6.95 -6.19
N LEU A 74 3.66 7.24 -7.15
CA LEU A 74 3.23 7.81 -8.43
C LEU A 74 2.46 6.82 -9.29
N ALA A 75 2.69 5.53 -9.07
CA ALA A 75 2.06 4.50 -9.90
C ALA A 75 2.07 3.17 -9.17
N PRO A 76 1.19 3.00 -8.16
CA PRO A 76 1.29 1.75 -7.39
C PRO A 76 0.87 0.56 -8.24
N PRO A 77 1.49 -0.59 -8.02
CA PRO A 77 1.21 -1.82 -8.79
C PRO A 77 -0.09 -2.49 -8.38
N THR A 78 -1.20 -1.80 -8.58
CA THR A 78 -2.51 -2.28 -8.16
C THR A 78 -3.28 -2.79 -9.34
N VAL A 79 -3.79 -4.01 -9.23
CA VAL A 79 -4.50 -4.68 -10.30
C VAL A 79 -5.95 -4.81 -9.86
N PRO A 80 -6.91 -4.61 -10.78
CA PRO A 80 -8.33 -4.73 -10.38
C PRO A 80 -8.64 -6.05 -9.73
N CYS A 81 -9.58 -6.05 -8.80
CA CYS A 81 -9.94 -7.27 -8.08
C CYS A 81 -10.34 -8.39 -9.02
N GLY A 82 -9.88 -9.60 -8.71
CA GLY A 82 -10.12 -10.78 -9.53
C GLY A 82 -9.29 -10.91 -10.80
N GLN A 83 -8.34 -10.00 -11.03
CA GLN A 83 -7.55 -10.08 -12.26
C GLN A 83 -6.05 -10.35 -12.03
N GLN A 84 -5.66 -10.53 -10.78
CA GLN A 84 -4.21 -10.60 -10.48
C GLN A 84 -3.61 -12.01 -10.57
N VAL A 85 -2.41 -12.09 -11.12
CA VAL A 85 -1.72 -13.36 -11.32
C VAL A 85 -0.30 -13.29 -10.77
N PHE A 86 0.03 -14.23 -9.88
CA PHE A 86 1.39 -14.43 -9.40
C PHE A 86 2.02 -15.58 -10.18
N TRP A 87 3.35 -15.67 -10.16
CA TRP A 87 4.08 -16.76 -10.82
C TRP A 87 5.42 -17.00 -10.10
N SER A 88 5.95 -18.22 -10.22
CA SER A 88 7.28 -18.53 -9.68
C SER A 88 7.84 -19.70 -10.48
N LYS A 89 8.97 -19.49 -11.17
CA LYS A 89 9.63 -20.51 -11.98
C LYS A 89 8.81 -20.84 -13.23
N THR A 90 7.88 -19.96 -13.58
CA THR A 90 6.96 -20.21 -14.69
C THR A 90 6.80 -18.95 -15.54
N LYS A 91 7.87 -18.17 -15.64
CA LYS A 91 7.75 -16.83 -16.22
C LYS A 91 7.05 -16.83 -17.58
N GLU A 92 7.57 -17.62 -18.51
CA GLU A 92 7.03 -17.68 -19.86
C GLU A 92 5.58 -18.11 -19.88
N LEU A 93 5.28 -19.23 -19.23
CA LEU A 93 3.91 -19.77 -19.18
C LEU A 93 2.90 -18.78 -18.57
N ALA A 94 3.29 -18.17 -17.46
CA ALA A 94 2.37 -17.34 -16.71
C ALA A 94 1.97 -16.10 -17.50
N HIS A 95 2.92 -15.55 -18.23
CA HIS A 95 2.60 -14.40 -19.02
C HIS A 95 1.72 -14.76 -20.26
N GLU A 96 1.95 -15.93 -20.83
CA GLU A 96 1.09 -16.41 -21.92
C GLU A 96 -0.33 -16.52 -21.43
N TYR A 97 -0.47 -17.14 -20.26
CA TYR A 97 -1.75 -17.32 -19.63
C TYR A 97 -2.41 -15.99 -19.31
N ALA A 98 -1.67 -15.07 -18.71
CA ALA A 98 -2.29 -13.80 -18.34
C ALA A 98 -2.73 -13.01 -19.57
N LYS A 99 -1.91 -13.04 -20.61
CA LYS A 99 -2.23 -12.36 -21.86
C LYS A 99 -3.52 -12.91 -22.47
N ARG A 100 -3.63 -14.22 -22.55
CA ARG A 100 -4.81 -14.86 -23.12
C ARG A 100 -6.10 -14.61 -22.34
N ARG A 101 -6.03 -14.60 -21.02
CA ARG A 101 -7.21 -14.37 -20.19
C ARG A 101 -7.46 -12.87 -19.90
N ARG A 102 -6.58 -12.02 -20.40
CA ARG A 102 -6.64 -10.58 -20.13
C ARG A 102 -6.53 -10.35 -18.62
N LEU A 103 -5.56 -11.03 -18.00
CA LEU A 103 -5.22 -10.86 -16.59
C LEU A 103 -3.91 -10.08 -16.47
N MET A 104 -3.49 -9.79 -15.25
CA MET A 104 -2.24 -9.04 -15.02
C MET A 104 -1.28 -9.66 -14.02
N THR A 105 -0.06 -9.91 -14.48
CA THR A 105 1.10 -10.20 -13.62
C THR A 105 1.75 -8.89 -13.20
N LEU A 106 2.74 -8.98 -12.32
CA LEU A 106 3.48 -7.81 -11.88
C LEU A 106 4.03 -7.07 -13.11
N GLU A 107 4.45 -7.85 -14.10
CA GLU A 107 5.08 -7.30 -15.30
C GLU A 107 4.07 -6.55 -16.19
N ASP A 108 2.78 -6.68 -15.85
CA ASP A 108 1.71 -5.96 -16.52
C ASP A 108 1.23 -4.69 -15.79
N THR A 109 1.79 -4.40 -14.61
CA THR A 109 1.50 -3.13 -13.98
C THR A 109 2.33 -2.08 -14.68
N LEU A 110 2.05 -0.79 -14.44
CA LEU A 110 2.86 0.28 -15.04
C LEU A 110 4.36 0.15 -14.75
N LEU A 111 4.74 0.14 -13.47
CA LEU A 111 6.14 0.07 -13.07
C LEU A 111 6.81 -1.26 -13.44
N GLY A 112 6.06 -2.36 -13.36
CA GLY A 112 6.60 -3.64 -13.77
C GLY A 112 6.86 -3.69 -15.25
N TYR A 113 5.99 -3.04 -16.00
CA TYR A 113 6.12 -2.96 -17.45
C TYR A 113 7.33 -2.11 -17.80
N LEU A 114 7.48 -0.96 -17.14
CA LEU A 114 8.67 -0.14 -17.34
C LEU A 114 9.98 -0.92 -17.12
N ALA A 115 10.04 -1.70 -16.05
CA ALA A 115 11.32 -2.26 -15.59
C ALA A 115 11.66 -3.65 -16.15
N ASP A 116 10.65 -4.33 -16.68
CA ASP A 116 10.77 -5.75 -17.04
C ASP A 116 11.95 -5.98 -17.98
N GLY A 117 12.85 -6.87 -17.59
CA GLY A 117 14.00 -7.19 -18.43
C GLY A 117 15.15 -6.20 -18.43
N LEU A 118 15.06 -5.11 -17.67
CA LEU A 118 16.11 -4.12 -17.74
C LEU A 118 17.10 -4.25 -16.59
N ARG A 119 18.23 -3.56 -16.71
CA ARG A 119 19.23 -3.52 -15.66
C ARG A 119 19.59 -2.07 -15.43
N TRP A 120 19.84 -1.72 -14.16
CA TRP A 120 20.27 -0.37 -13.83
C TRP A 120 21.05 -0.30 -12.53
N CYS A 121 22.00 0.63 -12.49
CA CYS A 121 22.68 1.00 -11.26
C CYS A 121 23.41 2.29 -11.57
N GLY A 122 23.75 3.02 -10.51
CA GLY A 122 24.42 4.30 -10.61
C GLY A 122 25.81 4.24 -10.00
N GLU A 123 26.40 5.41 -9.76
CA GLU A 123 27.73 5.48 -9.20
C GLU A 123 27.85 6.74 -8.33
N PRO A 124 28.49 6.62 -7.17
CA PRO A 124 28.49 7.80 -6.31
C PRO A 124 29.13 9.01 -7.00
N GLY A 125 28.53 10.17 -6.82
CA GLY A 125 29.06 11.39 -7.41
C GLY A 125 28.56 11.66 -8.83
N SER A 126 28.43 10.61 -9.62
CA SER A 126 27.99 10.74 -11.01
C SER A 126 26.47 10.89 -11.10
N SER A 127 26.01 11.51 -12.18
CA SER A 127 24.59 11.66 -12.43
C SER A 127 24.19 10.68 -13.52
N ASP A 128 25.13 9.81 -13.89
CA ASP A 128 24.88 8.89 -14.98
C ASP A 128 24.80 7.45 -14.54
N LEU A 129 24.16 6.66 -15.39
CA LEU A 129 24.09 5.22 -15.23
C LEU A 129 25.47 4.63 -15.38
N ASN A 130 25.71 3.54 -14.66
CA ASN A 130 26.88 2.72 -14.91
C ASN A 130 26.56 1.68 -15.96
N ILE A 131 26.97 1.96 -17.20
CA ILE A 131 26.72 1.06 -18.30
C ILE A 131 27.80 -0.02 -18.47
N TRP A 132 28.77 0.00 -17.60
CA TRP A 132 29.84 -0.93 -17.70
C TRP A 132 29.66 -2.17 -16.82
N SER A 133 29.21 -1.99 -15.60
CA SER A 133 28.96 -3.11 -14.71
C SER A 133 27.98 -2.67 -13.59
N CYS A 134 27.32 -3.65 -12.98
CA CYS A 134 26.37 -3.38 -11.89
C CYS A 134 26.49 -4.48 -10.86
N PRO A 135 26.18 -4.19 -9.57
CA PRO A 135 26.24 -5.22 -8.56
C PRO A 135 25.52 -6.49 -8.96
N ASP A 136 26.25 -7.60 -8.90
CA ASP A 136 25.60 -8.88 -8.94
C ASP A 136 25.10 -9.21 -7.55
N TRP A 137 23.93 -9.78 -7.50
CA TRP A 137 23.27 -10.11 -6.27
C TRP A 137 24.03 -11.10 -5.36
N ARG A 138 24.71 -12.03 -5.99
CA ARG A 138 25.45 -13.04 -5.24
C ARG A 138 26.90 -12.65 -5.03
N LYS A 139 27.53 -12.14 -6.07
CA LYS A 139 28.94 -11.85 -5.97
C LYS A 139 29.19 -10.54 -5.23
N ASP A 140 28.28 -9.59 -5.38
CA ASP A 140 28.51 -8.27 -4.82
C ASP A 140 27.65 -7.91 -3.61
N CYS A 141 26.34 -7.74 -3.78
CA CYS A 141 25.48 -7.36 -2.68
C CYS A 141 24.02 -7.63 -3.02
N ARG A 142 23.25 -8.06 -2.03
CA ARG A 142 21.80 -8.19 -2.21
C ARG A 142 21.10 -6.84 -2.17
N THR A 143 21.71 -5.86 -1.51
CA THR A 143 21.06 -4.57 -1.31
C THR A 143 21.40 -3.63 -2.44
N ASN A 144 21.10 -4.07 -3.66
CA ASN A 144 21.36 -3.26 -4.83
C ASN A 144 20.04 -2.74 -5.39
N TYR A 145 20.09 -1.73 -6.24
CA TYR A 145 18.86 -1.04 -6.65
C TYR A 145 17.92 -1.87 -7.52
N LEU A 146 18.47 -2.76 -8.36
CA LEU A 146 17.67 -3.65 -9.17
C LEU A 146 16.91 -4.67 -8.31
N SER A 147 17.64 -5.40 -7.46
CA SER A 147 17.03 -6.39 -6.58
C SER A 147 16.00 -5.80 -5.62
N VAL A 148 16.32 -4.64 -5.04
CA VAL A 148 15.46 -4.01 -4.05
C VAL A 148 14.17 -3.49 -4.70
N PHE A 149 14.30 -2.92 -5.90
CA PHE A 149 13.12 -2.53 -6.66
C PHE A 149 12.13 -3.69 -6.79
N TRP A 150 12.60 -4.85 -7.21
CA TRP A 150 11.67 -5.94 -7.47
C TRP A 150 11.05 -6.42 -6.15
N GLU A 151 11.76 -6.33 -5.08
CA GLU A 151 11.24 -6.71 -3.81
C GLU A 151 10.15 -5.80 -3.26
N VAL A 152 10.38 -4.57 -3.33
CA VAL A 152 9.40 -3.64 -2.79
C VAL A 152 8.17 -3.56 -3.71
N LEU A 153 8.39 -3.63 -5.04
CA LEU A 153 7.26 -3.64 -5.99
C LEU A 153 6.40 -4.88 -5.74
N SER A 154 7.07 -6.02 -5.57
CA SER A 154 6.40 -7.30 -5.30
C SER A 154 5.59 -7.27 -4.03
N GLU A 155 6.14 -6.64 -2.99
CA GLU A 155 5.41 -6.54 -1.73
C GLU A 155 4.15 -5.70 -1.85
N ARG A 156 4.24 -4.54 -2.49
CA ARG A 156 3.06 -3.69 -2.66
C ARG A 156 1.99 -4.35 -3.52
N PHE A 157 2.39 -5.01 -4.60
CA PHE A 157 1.52 -5.81 -5.47
C PHE A 157 0.73 -6.85 -4.66
N ALA A 158 1.44 -7.57 -3.78
CA ALA A 158 0.80 -8.57 -2.92
C ALA A 158 -0.16 -7.93 -1.90
N GLU A 159 0.25 -6.82 -1.30
CA GLU A 159 -0.59 -6.15 -0.29
C GLU A 159 -1.88 -5.59 -0.89
N SER A 160 -1.85 -5.23 -2.16
CA SER A 160 -3.03 -4.59 -2.76
C SER A 160 -4.01 -5.56 -3.40
N ALA A 161 -3.62 -6.82 -3.53
CA ALA A 161 -4.44 -7.85 -4.19
C ALA A 161 -5.79 -7.97 -3.52
N CYS A 162 -6.82 -8.29 -4.30
CA CYS A 162 -8.14 -8.42 -3.72
C CYS A 162 -9.01 -9.44 -4.45
N ASN A 163 -9.96 -9.97 -3.71
CA ASN A 163 -10.82 -11.07 -4.17
C ASN A 163 -10.02 -12.27 -4.64
N THR A 164 -10.35 -12.83 -5.78
CA THR A 164 -9.64 -14.05 -6.18
C THR A 164 -8.35 -13.73 -6.90
N VAL A 165 -7.29 -14.41 -6.50
N VAL A 165 -7.24 -14.32 -6.44
CA VAL A 165 -5.97 -14.23 -7.07
CA VAL A 165 -5.96 -14.20 -7.15
C VAL A 165 -5.52 -15.60 -7.60
C VAL A 165 -5.52 -15.59 -7.60
N ARG A 166 -4.70 -15.64 -8.64
CA ARG A 166 -4.20 -16.92 -9.16
C ARG A 166 -2.68 -16.98 -9.09
N VAL A 167 -2.12 -18.18 -8.90
CA VAL A 167 -0.68 -18.39 -9.03
C VAL A 167 -0.33 -19.57 -9.94
N VAL A 168 0.62 -19.35 -10.86
CA VAL A 168 1.07 -20.41 -11.77
C VAL A 168 2.41 -20.95 -11.26
N LEU A 169 2.42 -22.23 -10.89
CA LEU A 169 3.63 -22.86 -10.38
C LEU A 169 4.08 -23.98 -11.28
N ASN A 170 5.31 -24.42 -11.07
CA ASN A 170 5.97 -25.36 -11.94
C ASN A 170 5.93 -26.78 -11.41
N GLY A 171 5.04 -27.59 -11.95
CA GLY A 171 4.91 -28.96 -11.51
C GLY A 171 6.03 -29.89 -11.99
N SER A 172 6.96 -29.34 -12.75
CA SER A 172 8.13 -30.09 -13.18
C SER A 172 9.35 -29.93 -12.29
N LEU A 173 9.21 -29.20 -11.19
CA LEU A 173 10.30 -29.09 -10.24
C LEU A 173 10.03 -30.03 -9.07
N GLU A 174 11.06 -30.36 -8.32
CA GLU A 174 10.88 -31.14 -7.09
C GLU A 174 10.02 -30.37 -6.09
N ASN A 175 10.25 -29.07 -6.00
CA ASN A 175 9.45 -28.20 -5.13
C ASN A 175 8.82 -27.05 -5.93
N ALA A 176 7.55 -27.19 -6.26
CA ALA A 176 6.83 -26.11 -6.95
C ALA A 176 6.80 -24.83 -6.12
N PHE A 177 6.73 -24.95 -4.81
CA PHE A 177 6.82 -23.78 -3.94
C PHE A 177 8.21 -23.64 -3.29
N ASP A 178 8.88 -22.55 -3.62
CA ASP A 178 10.22 -22.26 -3.11
C ASP A 178 10.10 -21.16 -2.07
N SER A 179 10.28 -21.51 -0.79
CA SER A 179 10.09 -20.53 0.28
C SER A 179 11.11 -19.37 0.27
N MET A 180 12.15 -19.50 -0.55
N MET A 180 12.15 -19.49 -0.53
CA MET A 180 13.13 -18.43 -0.65
CA MET A 180 13.15 -18.47 -0.68
C MET A 180 12.91 -17.57 -1.89
C MET A 180 12.97 -17.62 -1.95
N SER A 181 11.94 -17.96 -2.72
CA SER A 181 11.63 -17.18 -3.93
C SER A 181 10.97 -15.88 -3.51
N ILE A 182 10.84 -14.93 -4.43
CA ILE A 182 10.07 -13.75 -4.12
C ILE A 182 8.60 -14.10 -3.81
N PHE A 183 8.03 -15.04 -4.55
CA PHE A 183 6.67 -15.45 -4.26
C PHE A 183 6.57 -15.99 -2.84
N GLY A 184 7.55 -16.79 -2.43
CA GLY A 184 7.48 -17.45 -1.13
C GLY A 184 7.87 -16.54 0.03
N ARG A 185 8.81 -15.64 -0.21
CA ARG A 185 9.37 -14.78 0.84
C ARG A 185 8.60 -13.49 1.03
N VAL A 186 8.10 -12.96 -0.06
CA VAL A 186 7.65 -11.58 -0.06
C VAL A 186 6.17 -11.52 -0.38
N GLU A 187 5.74 -12.30 -1.36
CA GLU A 187 4.37 -12.16 -1.86
C GLU A 187 3.32 -12.88 -1.03
N ALA A 188 3.45 -14.19 -0.91
CA ALA A 188 2.52 -14.99 -0.14
C ALA A 188 2.35 -14.47 1.32
N PRO A 189 3.47 -14.15 1.98
CA PRO A 189 3.38 -13.69 3.38
C PRO A 189 2.77 -12.28 3.55
N ASN A 190 2.70 -11.50 2.49
CA ASN A 190 2.11 -10.17 2.55
C ASN A 190 0.77 -10.05 1.82
N LEU A 191 0.21 -11.19 1.43
CA LEU A 191 -1.08 -11.18 0.75
C LEU A 191 -2.15 -10.58 1.64
N ARG A 192 -2.91 -9.63 1.09
CA ARG A 192 -4.03 -9.05 1.83
C ARG A 192 -4.90 -10.15 2.42
N PRO A 193 -5.28 -10.02 3.70
CA PRO A 193 -6.11 -11.09 4.26
C PRO A 193 -7.51 -11.23 3.62
N GLN A 194 -7.99 -12.47 3.62
CA GLN A 194 -9.33 -12.82 3.14
C GLN A 194 -9.51 -12.80 1.61
N VAL A 195 -8.44 -12.58 0.86
CA VAL A 195 -8.53 -12.88 -0.56
C VAL A 195 -8.56 -14.40 -0.71
N GLU A 196 -8.81 -14.88 -1.93
CA GLU A 196 -8.77 -16.31 -2.15
C GLU A 196 -7.71 -16.57 -3.21
N LEU A 197 -6.88 -17.57 -2.96
CA LEU A 197 -5.80 -17.89 -3.90
C LEU A 197 -6.02 -19.22 -4.59
N GLU A 198 -5.91 -19.22 -5.91
CA GLU A 198 -5.99 -20.45 -6.67
C GLU A 198 -4.62 -20.74 -7.26
N ALA A 199 -4.08 -21.92 -6.97
CA ALA A 199 -2.79 -22.33 -7.52
C ALA A 199 -2.96 -23.37 -8.62
N TRP A 200 -2.17 -23.26 -9.68
CA TRP A 200 -2.15 -24.22 -10.78
C TRP A 200 -0.72 -24.75 -10.90
N LEU A 201 -0.55 -26.06 -10.70
CA LEU A 201 0.77 -26.66 -10.84
C LEU A 201 0.87 -27.38 -12.19
N VAL A 202 1.70 -26.84 -13.06
CA VAL A 202 1.65 -27.19 -14.49
C VAL A 202 3.00 -27.79 -14.89
N HIS A 203 2.96 -28.92 -15.59
CA HIS A 203 4.21 -29.58 -15.95
C HIS A 203 4.49 -29.55 -17.45
N ASP A 204 5.73 -29.87 -17.80
CA ASP A 204 6.21 -29.80 -19.19
C ASP A 204 5.64 -30.89 -20.07
N THR A 205 5.80 -30.71 -21.38
CA THR A 205 5.86 -31.80 -22.36
C THR A 205 5.00 -33.01 -22.01
N GLY A 206 5.51 -34.16 -22.31
CA GLY A 206 4.97 -35.41 -21.84
C GLY A 206 5.89 -35.96 -20.77
N LYS A 207 6.42 -35.03 -19.99
CA LYS A 207 7.22 -35.36 -18.82
C LYS A 207 6.34 -35.40 -17.59
N PRO A 208 6.34 -36.53 -16.88
CA PRO A 208 5.51 -36.71 -15.68
C PRO A 208 5.86 -35.68 -14.61
N PRO A 209 4.85 -35.14 -13.90
CA PRO A 209 5.12 -34.10 -12.91
C PRO A 209 6.03 -34.59 -11.79
N SER A 210 6.78 -33.68 -11.16
CA SER A 210 7.65 -34.04 -10.04
C SER A 210 7.16 -33.45 -8.73
N ASP A 211 6.14 -32.60 -8.78
CA ASP A 211 5.54 -32.06 -7.55
C ASP A 211 4.05 -31.95 -7.75
N SER A 212 3.30 -31.97 -6.65
CA SER A 212 1.85 -31.92 -6.71
C SER A 212 1.29 -31.10 -5.56
N CYS A 213 -0.01 -30.88 -5.54
CA CYS A 213 -0.66 -30.09 -4.47
C CYS A 213 -0.52 -30.76 -3.11
N SER A 214 -0.25 -32.05 -3.11
CA SER A 214 -0.13 -32.80 -1.85
C SER A 214 1.30 -32.93 -1.36
N GLY A 215 2.24 -32.38 -2.12
CA GLY A 215 3.64 -32.42 -1.75
C GLY A 215 3.99 -31.52 -0.58
N SER A 216 5.19 -31.73 -0.03
CA SER A 216 5.65 -30.99 1.15
C SER A 216 5.69 -29.49 0.92
N SER A 217 6.17 -29.06 -0.25
CA SER A 217 6.35 -27.64 -0.49
C SER A 217 5.02 -26.90 -0.59
N ILE A 218 4.02 -27.51 -1.22
CA ILE A 218 2.72 -26.86 -1.31
C ILE A 218 2.03 -26.86 0.07
N ARG A 219 2.31 -27.86 0.89
CA ARG A 219 1.76 -27.84 2.25
C ARG A 219 2.34 -26.66 3.02
N LYS A 220 3.59 -26.29 2.72
CA LYS A 220 4.17 -25.11 3.38
C LYS A 220 3.49 -23.82 2.93
N LEU A 221 3.24 -23.71 1.64
CA LEU A 221 2.45 -22.58 1.13
C LEU A 221 1.09 -22.53 1.85
N LYS A 222 0.41 -23.67 1.93
CA LYS A 222 -0.92 -23.65 2.54
C LYS A 222 -0.85 -23.15 3.98
N SER A 223 0.21 -23.50 4.69
CA SER A 223 0.36 -23.05 6.06
C SER A 223 0.45 -21.51 6.16
N ILE A 224 1.24 -20.90 5.27
CA ILE A 224 1.36 -19.45 5.19
C ILE A 224 0.00 -18.80 4.93
N LEU A 225 -0.73 -19.34 3.97
CA LEU A 225 -2.04 -18.79 3.64
C LEU A 225 -3.06 -18.94 4.79
N ASP A 226 -3.05 -20.08 5.47
CA ASP A 226 -3.91 -20.25 6.65
C ASP A 226 -3.62 -19.11 7.63
N GLY A 227 -2.34 -18.76 7.76
CA GLY A 227 -1.94 -17.68 8.64
C GLY A 227 -2.43 -16.31 8.20
N ARG A 228 -2.61 -16.13 6.89
CA ARG A 228 -3.13 -14.88 6.35
C ARG A 228 -4.66 -14.90 6.28
N ASN A 229 -5.27 -15.99 6.77
CA ASN A 229 -6.70 -16.16 6.60
C ASN A 229 -7.09 -16.00 5.14
N VAL A 230 -6.32 -16.66 4.26
CA VAL A 230 -6.58 -16.66 2.82
C VAL A 230 -6.98 -18.06 2.40
N LYS A 231 -8.15 -18.18 1.76
CA LYS A 231 -8.64 -19.47 1.29
C LYS A 231 -7.77 -19.97 0.16
N PHE A 232 -7.50 -21.28 0.13
CA PHE A 232 -6.58 -21.88 -0.85
C PHE A 232 -7.24 -23.03 -1.62
N ARG A 233 -7.16 -22.97 -2.95
CA ARG A 233 -7.56 -24.08 -3.82
C ARG A 233 -6.40 -24.40 -4.74
N CYS A 234 -6.10 -25.68 -4.89
CA CYS A 234 -4.91 -26.09 -5.63
C CYS A 234 -5.30 -27.13 -6.67
N MET A 235 -4.89 -26.87 -7.90
CA MET A 235 -5.11 -27.79 -9.00
CA MET A 235 -5.11 -27.80 -9.00
C MET A 235 -3.77 -28.25 -9.57
N ASP A 236 -3.64 -29.54 -9.88
CA ASP A 236 -2.37 -30.03 -10.39
C ASP A 236 -2.53 -31.11 -11.45
N ASN A 237 -1.43 -31.74 -11.81
CA ASN A 237 -1.42 -32.79 -12.83
C ASN A 237 -1.99 -32.28 -14.15
N LEU A 238 -1.54 -31.10 -14.56
CA LEU A 238 -1.93 -30.48 -15.82
C LEU A 238 -0.68 -30.19 -16.61
N SER A 239 -0.69 -30.55 -17.89
CA SER A 239 0.41 -30.14 -18.77
C SER A 239 0.12 -28.70 -19.20
N ARG A 240 1.10 -28.08 -19.84
CA ARG A 240 0.95 -26.71 -20.31
C ARG A 240 -0.29 -26.57 -21.20
N ASP A 241 -0.44 -27.49 -22.15
CA ASP A 241 -1.58 -27.44 -23.07
C ASP A 241 -2.92 -27.58 -22.36
N GLN A 242 -3.06 -28.52 -21.44
CA GLN A 242 -4.30 -28.70 -20.73
C GLN A 242 -4.64 -27.47 -19.89
N PHE A 243 -3.61 -26.85 -19.32
CA PHE A 243 -3.82 -25.68 -18.49
C PHE A 243 -4.30 -24.49 -19.32
N LEU A 244 -3.59 -24.22 -20.43
CA LEU A 244 -3.88 -23.08 -21.31
C LEU A 244 -5.15 -23.25 -22.10
N GLN A 245 -5.39 -24.48 -22.55
CA GLN A 245 -6.56 -24.79 -23.35
C GLN A 245 -7.84 -24.67 -22.51
N ARG A 246 -7.71 -24.90 -21.20
CA ARG A 246 -8.89 -24.87 -20.34
C ARG A 246 -9.59 -23.51 -20.37
N LEU B 8 10.74 27.54 22.69
CA LEU B 8 10.13 26.24 22.67
C LEU B 8 8.79 26.24 23.39
N ASN B 9 8.32 27.39 23.87
CA ASN B 9 6.89 27.54 24.09
C ASN B 9 6.47 28.39 22.96
N ARG B 10 7.45 28.51 22.07
CA ARG B 10 7.49 29.30 20.88
C ARG B 10 6.50 29.09 19.74
N TRP B 11 5.63 28.08 19.81
CA TRP B 11 4.53 27.91 18.87
C TRP B 11 3.22 27.94 19.60
N HIS B 12 2.15 27.87 18.84
CA HIS B 12 0.75 28.07 19.18
C HIS B 12 -0.12 26.82 19.32
N GLY B 13 0.48 25.65 19.17
CA GLY B 13 -0.25 24.42 19.40
C GLY B 13 0.05 23.83 20.77
N ALA B 14 -0.82 22.94 21.23
CA ALA B 14 -0.55 22.19 22.45
C ALA B 14 0.78 21.44 22.31
N GLY B 15 1.47 21.21 23.42
CA GLY B 15 2.75 20.53 23.39
C GLY B 15 2.60 19.04 23.13
N SER B 16 3.73 18.36 22.96
CA SER B 16 3.68 16.92 22.77
C SER B 16 2.99 16.25 23.94
N THR B 17 2.28 15.17 23.66
CA THR B 17 1.77 14.29 24.70
C THR B 17 2.93 13.91 25.62
N ALA B 18 2.68 13.94 26.93
CA ALA B 18 3.76 13.81 27.91
C ALA B 18 4.59 12.54 27.79
N ASP B 19 3.96 11.39 28.02
CA ASP B 19 4.70 10.14 28.02
C ASP B 19 4.60 9.51 26.63
N PHE B 20 4.80 10.32 25.59
CA PHE B 20 4.61 9.85 24.21
C PHE B 20 5.31 8.51 23.91
N GLN B 21 6.63 8.46 24.12
CA GLN B 21 7.39 7.25 23.81
C GLN B 21 6.85 6.04 24.54
N LYS B 22 6.49 6.23 25.80
CA LYS B 22 5.96 5.13 26.59
C LYS B 22 4.58 4.74 26.10
N ILE B 23 3.79 5.72 25.70
CA ILE B 23 2.44 5.41 25.24
C ILE B 23 2.43 4.60 23.94
N ILE B 24 3.23 5.01 22.96
CA ILE B 24 3.18 4.26 21.70
C ILE B 24 3.77 2.87 21.93
N GLN B 25 4.73 2.78 22.84
CA GLN B 25 5.31 1.48 23.19
C GLN B 25 4.24 0.58 23.76
N GLU B 26 3.49 1.07 24.73
CA GLU B 26 2.43 0.29 25.35
C GLU B 26 1.32 -0.07 24.36
N ARG B 27 0.97 0.88 23.51
CA ARG B 27 -0.07 0.66 22.51
C ARG B 27 0.39 -0.36 21.48
N CYS B 28 1.65 -0.30 21.10
CA CYS B 28 2.15 -1.27 20.14
C CYS B 28 2.01 -2.70 20.69
N ASP B 29 2.34 -2.88 21.97
CA ASP B 29 2.23 -4.20 22.58
C ASP B 29 0.76 -4.64 22.66
N THR B 30 -0.11 -3.73 23.07
CA THR B 30 -1.53 -4.05 23.19
C THR B 30 -2.11 -4.43 21.83
N TYR B 31 -1.76 -3.66 20.81
CA TYR B 31 -2.27 -3.95 19.48
C TYR B 31 -1.79 -5.29 18.96
N THR B 32 -0.47 -5.49 18.96
CA THR B 32 0.12 -6.69 18.40
C THR B 32 -0.08 -7.98 19.17
N GLN B 33 -0.39 -7.88 20.46
CA GLN B 33 -0.49 -9.08 21.29
C GLN B 33 -1.92 -9.39 21.64
N THR B 34 -2.71 -8.35 21.83
CA THR B 34 -4.04 -8.50 22.40
C THR B 34 -5.15 -8.19 21.39
N ILE B 35 -5.01 -7.12 20.64
CA ILE B 35 -6.08 -6.70 19.74
C ILE B 35 -6.08 -7.43 18.41
N ARG B 36 -4.94 -7.39 17.72
CA ARG B 36 -4.85 -7.94 16.38
C ARG B 36 -3.49 -8.58 16.16
N PRO B 37 -3.22 -9.69 16.84
CA PRO B 37 -1.97 -10.42 16.62
C PRO B 37 -1.91 -10.89 15.15
N GLY B 38 -0.74 -10.80 14.53
CA GLY B 38 -0.60 -11.05 13.10
C GLY B 38 -0.19 -12.45 12.72
N SER B 39 0.03 -12.70 11.43
CA SER B 39 0.50 -14.03 11.02
C SER B 39 1.95 -14.20 11.50
N ARG B 40 2.66 -13.09 11.57
CA ARG B 40 4.02 -13.09 12.07
C ARG B 40 4.22 -11.92 13.03
N SER B 41 5.27 -11.99 13.86
CA SER B 41 5.54 -10.94 14.83
C SER B 41 6.02 -9.66 14.15
N ARG B 42 5.76 -8.55 14.81
CA ARG B 42 6.34 -7.26 14.46
C ARG B 42 7.11 -6.78 15.67
N ASN B 43 8.30 -6.24 15.45
CA ASN B 43 9.16 -5.79 16.53
C ASN B 43 8.75 -4.39 17.01
N CYS B 44 8.06 -4.31 18.16
CA CYS B 44 7.54 -3.02 18.62
C CYS B 44 8.64 -2.02 19.02
N GLN B 45 9.77 -2.53 19.49
CA GLN B 45 10.91 -1.66 19.73
C GLN B 45 11.36 -0.94 18.46
N ALA B 46 11.45 -1.68 17.36
CA ALA B 46 11.88 -1.12 16.07
C ALA B 46 10.83 -0.13 15.54
N ILE B 47 9.56 -0.44 15.73
CA ILE B 47 8.50 0.46 15.27
C ILE B 47 8.55 1.79 16.03
N ARG B 48 8.66 1.72 17.35
CA ARG B 48 8.81 2.93 18.16
C ARG B 48 10.04 3.74 17.77
N GLN B 49 11.16 3.04 17.54
CA GLN B 49 12.40 3.70 17.12
C GLN B 49 12.25 4.40 15.78
N ALA B 50 11.58 3.74 14.84
CA ALA B 50 11.29 4.36 13.56
C ALA B 50 10.38 5.60 13.69
N PHE B 51 9.41 5.52 14.58
CA PHE B 51 8.45 6.62 14.76
C PHE B 51 9.24 7.83 15.28
N MET B 52 10.02 7.60 16.33
CA MET B 52 10.85 8.66 16.92
C MET B 52 11.82 9.26 15.92
N SER B 53 12.49 8.41 15.13
CA SER B 53 13.50 8.89 14.22
C SER B 53 12.90 9.74 13.13
N ALA B 54 11.63 9.54 12.84
CA ALA B 54 10.99 10.27 11.78
C ALA B 54 11.06 11.78 12.05
N PHE B 55 10.87 12.17 13.31
CA PHE B 55 10.64 13.58 13.63
C PHE B 55 11.58 14.19 14.68
N ILE B 56 12.13 13.36 15.53
CA ILE B 56 12.90 13.85 16.67
C ILE B 56 14.15 14.60 16.20
N SER B 57 14.46 15.69 16.89
CA SER B 57 15.62 16.51 16.58
C SER B 57 15.55 17.19 15.22
N LYS B 58 14.33 17.43 14.73
CA LYS B 58 14.16 18.05 13.41
C LYS B 58 13.27 19.30 13.47
N ASP B 59 13.43 20.16 12.48
CA ASP B 59 12.58 21.35 12.40
C ASP B 59 11.13 20.89 12.25
N PRO B 60 10.27 21.24 13.22
CA PRO B 60 8.90 20.74 13.31
C PRO B 60 8.03 21.29 12.20
N CYS B 61 8.56 22.21 11.40
CA CYS B 61 7.82 22.78 10.29
C CYS B 61 8.42 22.43 8.93
N LYS B 62 9.34 21.48 8.91
CA LYS B 62 9.93 21.04 7.65
C LYS B 62 9.69 19.55 7.38
N ALA B 63 8.63 19.03 7.99
CA ALA B 63 8.21 17.66 7.80
C ALA B 63 7.88 17.41 6.33
N THR B 64 8.33 16.27 5.81
CA THR B 64 7.97 15.83 4.46
C THR B 64 7.40 14.41 4.54
N LYS B 65 6.69 13.97 3.51
CA LYS B 65 6.10 12.64 3.52
C LYS B 65 7.19 11.60 3.65
N GLU B 66 8.33 11.89 3.01
CA GLU B 66 9.43 10.94 2.98
C GLU B 66 9.97 10.60 4.37
N ASP B 67 9.83 11.54 5.30
CA ASP B 67 10.27 11.31 6.68
C ASP B 67 9.62 10.07 7.32
N TYR B 68 8.45 9.70 6.85
CA TYR B 68 7.71 8.60 7.43
C TYR B 68 7.85 7.29 6.63
N ASN B 69 8.67 7.29 5.58
CA ASN B 69 8.80 6.10 4.73
C ASN B 69 9.13 4.82 5.51
N SER B 70 10.16 4.88 6.37
CA SER B 70 10.55 3.69 7.13
C SER B 70 9.42 3.20 8.04
N LEU B 71 8.76 4.13 8.71
CA LEU B 71 7.70 3.76 9.66
C LEU B 71 6.55 3.08 8.95
N ILE B 72 6.07 3.68 7.85
CA ILE B 72 4.93 3.12 7.15
C ILE B 72 5.26 1.75 6.54
N ASN B 73 6.50 1.60 6.05
CA ASN B 73 6.96 0.30 5.54
C ASN B 73 6.99 -0.79 6.61
N LEU B 74 7.14 -0.41 7.88
CA LEU B 74 7.18 -1.40 8.95
C LEU B 74 5.80 -1.93 9.29
N ALA B 75 4.78 -1.16 8.96
CA ALA B 75 3.40 -1.50 9.31
C ALA B 75 2.39 -0.75 8.46
N PRO B 76 2.26 -1.14 7.19
CA PRO B 76 1.36 -0.39 6.29
C PRO B 76 -0.08 -0.51 6.78
N PRO B 77 -0.87 0.56 6.65
CA PRO B 77 -2.25 0.59 7.17
C PRO B 77 -3.25 -0.04 6.22
N THR B 78 -3.15 -1.35 6.00
CA THR B 78 -4.05 -2.02 5.08
C THR B 78 -5.06 -2.92 5.81
N VAL B 79 -6.25 -3.06 5.23
CA VAL B 79 -7.28 -3.91 5.84
C VAL B 79 -8.09 -4.73 4.81
N PRO B 80 -8.76 -5.80 5.24
CA PRO B 80 -9.41 -6.67 4.25
C PRO B 80 -10.47 -5.90 3.46
N CYS B 81 -10.77 -6.35 2.25
CA CYS B 81 -11.81 -5.70 1.43
C CYS B 81 -13.16 -5.67 2.14
N GLY B 82 -13.88 -4.57 1.94
CA GLY B 82 -15.22 -4.41 2.49
C GLY B 82 -15.28 -4.13 3.98
N GLN B 83 -14.13 -3.88 4.61
CA GLN B 83 -14.13 -3.64 6.05
C GLN B 83 -13.82 -2.20 6.45
N GLN B 84 -13.52 -1.36 5.46
CA GLN B 84 -13.03 -0.02 5.75
C GLN B 84 -14.14 0.98 6.02
N VAL B 85 -13.94 1.75 7.08
CA VAL B 85 -14.86 2.82 7.43
C VAL B 85 -14.10 4.14 7.46
N PHE B 86 -14.53 5.11 6.66
CA PHE B 86 -14.01 6.47 6.71
C PHE B 86 -14.94 7.35 7.54
N TRP B 87 -14.40 8.46 8.02
CA TRP B 87 -15.18 9.39 8.84
C TRP B 87 -14.67 10.82 8.63
N SER B 88 -15.53 11.79 8.88
CA SER B 88 -15.13 13.18 8.86
C SER B 88 -16.11 13.94 9.73
N LYS B 89 -15.57 14.57 10.78
CA LYS B 89 -16.35 15.25 11.81
C LYS B 89 -17.34 14.34 12.54
N THR B 90 -17.00 13.05 12.62
CA THR B 90 -17.89 12.05 13.21
C THR B 90 -17.08 11.01 13.95
N LYS B 91 -15.91 11.39 14.44
CA LYS B 91 -14.92 10.44 14.97
C LYS B 91 -15.52 9.46 15.99
N GLU B 92 -16.13 9.97 17.05
CA GLU B 92 -16.72 9.12 18.09
C GLU B 92 -17.80 8.22 17.51
N LEU B 93 -18.72 8.82 16.77
CA LEU B 93 -19.79 8.06 16.15
C LEU B 93 -19.24 6.97 15.24
N ALA B 94 -18.27 7.31 14.41
CA ALA B 94 -17.78 6.35 13.43
C ALA B 94 -17.16 5.11 14.08
N HIS B 95 -16.44 5.33 15.17
CA HIS B 95 -15.72 4.24 15.81
C HIS B 95 -16.64 3.30 16.56
N GLU B 96 -17.64 3.89 17.21
CA GLU B 96 -18.68 3.12 17.86
C GLU B 96 -19.33 2.20 16.82
N TYR B 97 -19.72 2.79 15.70
CA TYR B 97 -20.27 2.05 14.57
C TYR B 97 -19.32 0.94 14.11
N ALA B 98 -18.05 1.27 13.91
CA ALA B 98 -17.13 0.26 13.41
C ALA B 98 -16.91 -0.83 14.44
N LYS B 99 -16.78 -0.41 15.69
CA LYS B 99 -16.58 -1.34 16.79
C LYS B 99 -17.70 -2.37 16.79
N ARG B 100 -18.93 -1.91 16.69
CA ARG B 100 -20.06 -2.81 16.80
C ARG B 100 -20.20 -3.74 15.60
N ARG B 101 -19.89 -3.24 14.42
CA ARG B 101 -20.04 -4.04 13.20
C ARG B 101 -18.78 -4.85 12.86
N ARG B 102 -17.76 -4.77 13.71
CA ARG B 102 -16.48 -5.44 13.43
C ARG B 102 -15.84 -4.94 12.13
N LEU B 103 -15.92 -3.64 11.89
CA LEU B 103 -15.26 -3.02 10.75
C LEU B 103 -14.02 -2.28 11.25
N MET B 104 -13.33 -1.56 10.38
CA MET B 104 -12.09 -0.92 10.78
C MET B 104 -11.97 0.53 10.31
N THR B 105 -11.79 1.45 11.26
CA THR B 105 -11.40 2.80 10.87
C THR B 105 -9.88 2.85 10.81
N LEU B 106 -9.35 3.99 10.37
CA LEU B 106 -7.91 4.18 10.32
C LEU B 106 -7.28 3.95 11.69
N GLU B 107 -8.04 4.28 12.74
CA GLU B 107 -7.55 4.16 14.10
C GLU B 107 -7.50 2.70 14.56
N ASP B 108 -7.99 1.78 13.74
CA ASP B 108 -7.91 0.36 14.03
C ASP B 108 -6.75 -0.35 13.30
N THR B 109 -5.99 0.41 12.50
CA THR B 109 -4.73 -0.09 11.95
C THR B 109 -3.68 0.08 13.03
N LEU B 110 -2.56 -0.65 12.89
CA LEU B 110 -1.49 -0.54 13.89
C LEU B 110 -1.03 0.91 14.11
N LEU B 111 -0.59 1.59 13.04
CA LEU B 111 -0.08 2.94 13.18
C LEU B 111 -1.15 3.95 13.62
N GLY B 112 -2.38 3.78 13.13
CA GLY B 112 -3.48 4.65 13.55
C GLY B 112 -3.81 4.45 15.02
N TYR B 113 -3.79 3.19 15.47
CA TYR B 113 -3.98 2.86 16.88
C TYR B 113 -2.92 3.50 17.79
N LEU B 114 -1.64 3.43 17.38
CA LEU B 114 -0.57 4.08 18.14
C LEU B 114 -0.78 5.57 18.26
N ALA B 115 -1.12 6.22 17.15
CA ALA B 115 -1.09 7.68 17.08
C ALA B 115 -2.38 8.37 17.51
N ASP B 116 -3.46 7.62 17.64
CA ASP B 116 -4.77 8.21 17.84
C ASP B 116 -4.76 9.17 19.05
N GLY B 117 -5.18 10.42 18.83
CA GLY B 117 -5.39 11.35 19.92
C GLY B 117 -4.12 11.99 20.42
N LEU B 118 -2.98 11.52 19.91
CA LEU B 118 -1.71 11.97 20.43
C LEU B 118 -1.20 13.20 19.71
N ARG B 119 -0.25 13.87 20.32
CA ARG B 119 0.42 14.99 19.69
C ARG B 119 1.91 14.82 19.91
N TRP B 120 2.70 15.23 18.92
CA TRP B 120 4.14 15.08 19.02
C TRP B 120 4.89 16.02 18.09
N CYS B 121 6.03 16.50 18.57
CA CYS B 121 6.90 17.31 17.75
C CYS B 121 8.25 17.39 18.42
N GLY B 122 9.27 17.71 17.64
CA GLY B 122 10.62 17.72 18.15
C GLY B 122 11.22 19.11 18.01
N GLU B 123 12.53 19.17 18.20
CA GLU B 123 13.25 20.44 18.17
C GLU B 123 14.66 20.16 17.70
N PRO B 124 15.14 20.91 16.71
CA PRO B 124 16.48 20.73 16.17
C PRO B 124 17.53 20.62 17.27
N GLY B 125 18.38 19.60 17.18
CA GLY B 125 19.40 19.38 18.18
C GLY B 125 18.88 18.54 19.33
N SER B 126 17.91 19.07 20.05
CA SER B 126 17.32 18.34 21.18
C SER B 126 16.91 16.93 20.78
N SER B 127 17.28 15.97 21.62
CA SER B 127 16.90 14.58 21.39
C SER B 127 15.64 14.28 22.19
N ASP B 128 14.87 15.32 22.48
CA ASP B 128 13.69 15.17 23.32
C ASP B 128 12.43 15.73 22.65
N LEU B 129 11.26 15.28 23.08
CA LEU B 129 10.02 15.86 22.57
C LEU B 129 9.78 17.22 23.16
N ASN B 130 9.17 18.10 22.36
CA ASN B 130 8.77 19.40 22.88
C ASN B 130 7.43 19.31 23.58
N ILE B 131 7.48 19.31 24.88
CA ILE B 131 6.33 19.28 25.70
C ILE B 131 5.81 20.71 25.97
N TRP B 132 6.62 21.72 25.64
CA TRP B 132 6.29 23.18 25.72
C TRP B 132 5.09 23.48 24.88
N SER B 133 5.31 23.39 23.56
CA SER B 133 4.31 23.56 22.53
C SER B 133 4.73 22.94 21.19
N CYS B 134 3.78 22.80 20.27
CA CYS B 134 4.09 22.35 18.92
C CYS B 134 3.38 23.20 17.88
N PRO B 135 3.92 23.23 16.65
CA PRO B 135 3.31 23.95 15.53
C PRO B 135 1.86 23.58 15.33
N ASP B 136 1.00 24.59 15.16
CA ASP B 136 -0.39 24.37 14.82
C ASP B 136 -0.49 24.38 13.30
N TRP B 137 -1.47 23.67 12.73
CA TRP B 137 -1.55 23.60 11.28
C TRP B 137 -2.19 24.84 10.65
N ARG B 138 -2.49 25.84 11.48
CA ARG B 138 -2.97 27.15 11.02
C ARG B 138 -2.06 28.29 11.49
N LYS B 139 -2.03 28.53 12.79
CA LYS B 139 -1.24 29.63 13.34
C LYS B 139 0.27 29.38 13.24
N ASP B 140 0.66 28.26 12.62
CA ASP B 140 2.07 27.90 12.53
C ASP B 140 2.50 27.39 11.16
N CYS B 141 2.17 26.14 10.84
CA CYS B 141 2.53 25.60 9.53
C CYS B 141 1.76 24.33 9.20
N ARG B 142 1.65 24.02 7.92
CA ARG B 142 0.98 22.80 7.47
C ARG B 142 1.95 21.62 7.44
N THR B 143 3.20 21.92 7.15
CA THR B 143 4.23 20.89 7.04
C THR B 143 4.81 20.54 8.40
N ASN B 144 3.94 20.07 9.29
CA ASN B 144 4.36 19.67 10.61
C ASN B 144 4.17 18.16 10.72
N TYR B 145 4.85 17.55 11.67
CA TYR B 145 4.90 16.09 11.72
C TYR B 145 3.56 15.42 12.04
N LEU B 146 2.69 16.12 12.73
CA LEU B 146 1.39 15.57 13.07
C LEU B 146 0.50 15.49 11.86
N SER B 147 0.43 16.58 11.10
CA SER B 147 -0.38 16.62 9.89
C SER B 147 0.13 15.70 8.80
N VAL B 148 1.43 15.72 8.57
CA VAL B 148 2.04 14.92 7.53
C VAL B 148 1.83 13.45 7.83
N PHE B 149 1.91 13.08 9.10
CA PHE B 149 1.68 11.68 9.50
C PHE B 149 0.32 11.22 9.06
N TRP B 150 -0.72 11.98 9.42
CA TRP B 150 -2.08 11.58 9.05
C TRP B 150 -2.33 11.61 7.53
N GLU B 151 -1.68 12.53 6.82
CA GLU B 151 -1.84 12.60 5.37
C GLU B 151 -1.26 11.34 4.73
N VAL B 152 -0.07 10.96 5.17
CA VAL B 152 0.63 9.83 4.61
C VAL B 152 -0.12 8.55 4.92
N LEU B 153 -0.53 8.41 6.18
CA LEU B 153 -1.23 7.19 6.57
C LEU B 153 -2.55 7.10 5.83
N SER B 154 -3.25 8.22 5.73
CA SER B 154 -4.58 8.26 5.11
C SER B 154 -4.52 7.91 3.64
N GLU B 155 -3.48 8.37 2.95
CA GLU B 155 -3.37 8.13 1.51
C GLU B 155 -3.23 6.66 1.23
N ARG B 156 -2.38 5.97 2.01
CA ARG B 156 -2.23 4.55 1.87
C ARG B 156 -3.49 3.79 2.29
N PHE B 157 -4.12 4.22 3.38
CA PHE B 157 -5.36 3.60 3.83
C PHE B 157 -6.43 3.65 2.70
N ALA B 158 -6.55 4.78 2.04
CA ALA B 158 -7.56 4.97 1.00
C ALA B 158 -7.23 4.15 -0.24
N GLU B 159 -5.95 4.19 -0.64
CA GLU B 159 -5.46 3.46 -1.80
C GLU B 159 -5.76 1.97 -1.68
N SER B 160 -5.68 1.46 -0.47
CA SER B 160 -5.84 0.03 -0.19
C SER B 160 -7.29 -0.45 -0.17
N ALA B 161 -8.23 0.50 -0.13
CA ALA B 161 -9.64 0.18 -0.07
C ALA B 161 -10.10 -0.64 -1.27
N CYS B 162 -10.96 -1.62 -1.03
CA CYS B 162 -11.56 -2.43 -2.10
C CYS B 162 -12.98 -2.89 -1.76
N ASN B 163 -13.76 -3.18 -2.79
CA ASN B 163 -15.17 -3.59 -2.66
C ASN B 163 -15.97 -2.46 -2.00
N THR B 164 -16.88 -2.79 -1.10
CA THR B 164 -17.70 -1.73 -0.51
C THR B 164 -17.02 -1.09 0.70
N VAL B 165 -17.00 0.25 0.72
CA VAL B 165 -16.44 0.99 1.83
C VAL B 165 -17.50 1.98 2.31
N ARG B 166 -17.35 2.46 3.52
CA ARG B 166 -18.35 3.37 4.08
C ARG B 166 -17.72 4.61 4.65
N VAL B 167 -18.46 5.72 4.60
CA VAL B 167 -18.05 6.95 5.27
C VAL B 167 -19.22 7.49 6.11
N VAL B 168 -18.89 7.91 7.33
CA VAL B 168 -19.88 8.47 8.23
C VAL B 168 -19.64 9.97 8.28
N LEU B 169 -20.64 10.73 7.85
CA LEU B 169 -20.55 12.18 7.75
C LEU B 169 -21.59 12.87 8.65
N ASN B 170 -21.39 14.16 8.89
CA ASN B 170 -22.18 14.90 9.89
C ASN B 170 -23.30 15.72 9.26
N GLY B 171 -24.53 15.24 9.43
CA GLY B 171 -25.70 15.94 8.93
C GLY B 171 -26.06 17.19 9.71
N SER B 172 -25.42 17.39 10.87
CA SER B 172 -25.67 18.60 11.67
C SER B 172 -24.71 19.73 11.38
N LEU B 173 -24.00 19.65 10.25
CA LEU B 173 -23.17 20.75 9.79
C LEU B 173 -23.75 21.29 8.50
N GLU B 174 -23.42 22.52 8.14
CA GLU B 174 -23.90 23.07 6.88
C GLU B 174 -23.40 22.23 5.70
N ASN B 175 -22.13 21.80 5.78
CA ASN B 175 -21.56 20.96 4.73
C ASN B 175 -21.00 19.66 5.32
N ALA B 176 -21.72 18.57 5.09
CA ALA B 176 -21.29 17.26 5.59
C ALA B 176 -19.97 16.88 4.93
N PHE B 177 -19.82 17.21 3.66
CA PHE B 177 -18.58 17.00 2.94
C PHE B 177 -17.74 18.27 2.88
N ASP B 178 -16.56 18.20 3.50
CA ASP B 178 -15.61 19.31 3.57
C ASP B 178 -14.47 19.03 2.62
N SER B 179 -14.47 19.73 1.49
CA SER B 179 -13.49 19.47 0.45
C SER B 179 -12.05 19.76 0.92
N MET B 180 -11.92 20.39 2.08
CA MET B 180 -10.61 20.73 2.63
CA MET B 180 -10.62 20.73 2.63
C MET B 180 -10.12 19.72 3.66
N SER B 181 -11.00 18.83 4.11
CA SER B 181 -10.62 17.80 5.11
C SER B 181 -9.71 16.74 4.51
N ILE B 182 -9.18 15.85 5.33
CA ILE B 182 -8.37 14.75 4.80
C ILE B 182 -9.25 13.80 3.99
N PHE B 183 -10.47 13.54 4.45
CA PHE B 183 -11.36 12.69 3.68
C PHE B 183 -11.53 13.28 2.29
N GLY B 184 -11.72 14.60 2.22
CA GLY B 184 -11.99 15.26 0.96
C GLY B 184 -10.77 15.43 0.07
N ARG B 185 -9.63 15.75 0.68
CA ARG B 185 -8.42 16.10 -0.07
C ARG B 185 -7.62 14.86 -0.45
N VAL B 186 -7.57 13.90 0.46
CA VAL B 186 -6.65 12.78 0.33
C VAL B 186 -7.30 11.42 0.13
N GLU B 187 -8.36 11.14 0.88
CA GLU B 187 -8.99 9.82 0.85
C GLU B 187 -9.91 9.61 -0.34
N ALA B 188 -10.99 10.39 -0.43
CA ALA B 188 -11.91 10.21 -1.54
C ALA B 188 -11.22 10.16 -2.91
N PRO B 189 -10.35 11.15 -3.21
CA PRO B 189 -9.65 11.22 -4.51
C PRO B 189 -8.75 10.03 -4.80
N ASN B 190 -8.36 9.30 -3.76
CA ASN B 190 -7.48 8.14 -3.91
C ASN B 190 -8.16 6.79 -3.86
N LEU B 191 -9.49 6.76 -3.79
CA LEU B 191 -10.18 5.47 -3.90
C LEU B 191 -10.02 4.90 -5.29
N ARG B 192 -9.84 3.58 -5.38
CA ARG B 192 -9.73 2.89 -6.66
C ARG B 192 -11.08 2.77 -7.38
N PRO B 193 -11.04 2.79 -8.71
CA PRO B 193 -12.26 2.58 -9.49
C PRO B 193 -12.83 1.23 -9.12
N GLN B 194 -14.15 1.08 -9.23
CA GLN B 194 -14.82 -0.16 -8.84
C GLN B 194 -15.00 -0.33 -7.32
N VAL B 195 -14.39 0.53 -6.52
CA VAL B 195 -14.82 0.58 -5.13
C VAL B 195 -16.24 1.15 -5.16
N GLU B 196 -17.08 0.77 -4.20
CA GLU B 196 -18.38 1.40 -4.02
C GLU B 196 -18.44 2.05 -2.64
N LEU B 197 -18.75 3.34 -2.62
CA LEU B 197 -18.73 4.10 -1.38
C LEU B 197 -20.15 4.35 -0.89
N GLU B 198 -20.43 3.87 0.32
CA GLU B 198 -21.71 4.16 0.96
C GLU B 198 -21.55 5.29 1.96
N ALA B 199 -22.30 6.37 1.77
CA ALA B 199 -22.22 7.51 2.68
C ALA B 199 -23.44 7.59 3.60
N TRP B 200 -23.17 7.84 4.87
CA TRP B 200 -24.23 7.96 5.86
C TRP B 200 -24.13 9.33 6.52
N LEU B 201 -25.11 10.19 6.25
CA LEU B 201 -25.13 11.51 6.86
C LEU B 201 -25.96 11.48 8.13
N VAL B 202 -25.30 11.62 9.27
CA VAL B 202 -25.98 11.49 10.55
C VAL B 202 -26.04 12.83 11.30
N HIS B 203 -27.19 13.14 11.88
CA HIS B 203 -27.33 14.42 12.57
C HIS B 203 -27.68 14.16 14.03
N ASP B 204 -27.49 15.18 14.86
CA ASP B 204 -27.77 15.06 16.28
C ASP B 204 -29.17 15.55 16.63
N THR B 205 -29.88 14.81 17.48
CA THR B 205 -31.16 15.25 18.01
C THR B 205 -30.97 16.58 18.74
N GLY B 206 -31.95 17.48 18.62
CA GLY B 206 -33.14 17.24 17.83
C GLY B 206 -33.42 18.38 16.86
N LYS B 207 -32.41 19.23 16.64
CA LYS B 207 -32.50 20.24 15.59
C LYS B 207 -32.52 19.52 14.26
N PRO B 208 -33.21 20.10 13.26
CA PRO B 208 -33.21 19.44 11.96
C PRO B 208 -31.79 19.41 11.40
N PRO B 209 -31.50 18.47 10.49
CA PRO B 209 -30.22 18.36 9.77
C PRO B 209 -29.92 19.64 9.02
N SER B 210 -28.65 20.04 8.98
CA SER B 210 -28.22 21.22 8.25
C SER B 210 -27.75 20.87 6.84
N ASP B 211 -27.52 19.59 6.60
CA ASP B 211 -27.13 19.13 5.27
C ASP B 211 -27.77 17.77 5.01
N SER B 212 -27.83 17.39 3.73
CA SER B 212 -28.45 16.14 3.35
C SER B 212 -27.83 15.66 2.05
N CYS B 213 -28.31 14.53 1.55
CA CYS B 213 -27.77 13.93 0.33
C CYS B 213 -28.00 14.80 -0.92
N SER B 214 -28.98 15.70 -0.87
CA SER B 214 -29.27 16.53 -2.02
C SER B 214 -28.61 17.91 -1.96
N GLY B 215 -27.75 18.12 -0.96
CA GLY B 215 -27.12 19.42 -0.75
C GLY B 215 -25.92 19.69 -1.64
N SER B 216 -25.40 20.92 -1.58
CA SER B 216 -24.27 21.35 -2.41
C SER B 216 -23.00 20.55 -2.12
N SER B 217 -22.69 20.38 -0.84
CA SER B 217 -21.43 19.75 -0.44
C SER B 217 -21.33 18.30 -0.94
N ILE B 218 -22.41 17.56 -0.83
CA ILE B 218 -22.43 16.19 -1.32
C ILE B 218 -22.34 16.18 -2.84
N ARG B 219 -22.74 17.25 -3.49
CA ARG B 219 -22.61 17.27 -4.94
C ARG B 219 -21.15 17.25 -5.36
N LYS B 220 -20.28 17.90 -4.59
CA LYS B 220 -18.88 17.90 -4.97
C LYS B 220 -18.21 16.56 -4.67
N LEU B 221 -18.69 15.87 -3.64
CA LEU B 221 -18.19 14.51 -3.37
C LEU B 221 -18.59 13.58 -4.51
N LYS B 222 -19.84 13.68 -4.97
CA LYS B 222 -20.27 12.86 -6.09
C LYS B 222 -19.45 13.16 -7.36
N SER B 223 -19.08 14.42 -7.55
CA SER B 223 -18.22 14.81 -8.66
C SER B 223 -16.87 14.06 -8.62
N ILE B 224 -16.19 14.17 -7.49
CA ILE B 224 -14.91 13.49 -7.28
C ILE B 224 -15.03 11.99 -7.57
N LEU B 225 -16.09 11.36 -7.05
CA LEU B 225 -16.29 9.93 -7.23
C LEU B 225 -16.62 9.59 -8.68
N ASP B 226 -17.48 10.39 -9.30
CA ASP B 226 -17.80 10.17 -10.71
C ASP B 226 -16.54 10.20 -11.56
N GLY B 227 -15.58 11.02 -11.15
CA GLY B 227 -14.32 11.16 -11.88
C GLY B 227 -13.34 10.03 -11.62
N ARG B 228 -13.56 9.29 -10.54
CA ARG B 228 -12.69 8.17 -10.18
C ARG B 228 -13.33 6.84 -10.60
N ASN B 229 -14.50 6.91 -11.21
CA ASN B 229 -15.26 5.71 -11.55
C ASN B 229 -15.65 4.92 -10.29
N VAL B 230 -16.05 5.65 -9.25
CA VAL B 230 -16.44 5.02 -7.99
C VAL B 230 -17.94 5.20 -7.74
N LYS B 231 -18.67 4.09 -7.70
CA LYS B 231 -20.12 4.15 -7.48
C LYS B 231 -20.42 4.69 -6.08
N PHE B 232 -21.50 5.45 -5.99
CA PHE B 232 -21.83 6.19 -4.77
C PHE B 232 -23.30 6.00 -4.37
N ARG B 233 -23.53 5.65 -3.11
CA ARG B 233 -24.88 5.63 -2.56
C ARG B 233 -24.90 6.47 -1.29
N CYS B 234 -25.89 7.34 -1.17
CA CYS B 234 -25.95 8.25 -0.02
C CYS B 234 -27.23 8.06 0.78
N MET B 235 -27.08 7.86 2.08
N MET B 235 -27.08 7.88 2.08
CA MET B 235 -28.22 7.76 2.97
CA MET B 235 -28.22 7.72 2.98
C MET B 235 -28.20 8.94 3.91
C MET B 235 -28.21 8.85 4.01
N ASP B 236 -29.37 9.46 4.27
CA ASP B 236 -29.42 10.58 5.20
C ASP B 236 -30.66 10.57 6.08
N ASN B 237 -30.88 11.65 6.78
CA ASN B 237 -32.01 11.78 7.70
C ASN B 237 -32.07 10.67 8.70
N LEU B 238 -31.01 10.53 9.48
CA LEU B 238 -31.11 9.83 10.72
C LEU B 238 -30.19 10.26 11.81
N SER B 239 -30.61 9.97 13.01
CA SER B 239 -29.84 10.34 14.20
C SER B 239 -28.84 9.26 14.58
N ARG B 240 -27.96 9.58 15.50
CA ARG B 240 -27.02 8.61 16.04
C ARG B 240 -27.68 7.26 16.33
N ASP B 241 -28.76 7.28 17.10
CA ASP B 241 -29.42 6.05 17.52
C ASP B 241 -29.96 5.27 16.34
N GLN B 242 -30.57 6.00 15.42
CA GLN B 242 -31.12 5.40 14.23
C GLN B 242 -30.03 4.76 13.38
N PHE B 243 -28.87 5.41 13.33
CA PHE B 243 -27.74 4.89 12.58
C PHE B 243 -27.20 3.60 13.22
N LEU B 244 -26.99 3.64 14.53
CA LEU B 244 -26.40 2.51 15.24
C LEU B 244 -27.35 1.33 15.41
N GLN B 245 -28.64 1.53 15.16
CA GLN B 245 -29.63 0.49 15.38
C GLN B 245 -29.86 -0.42 14.16
#